data_7QK4
#
_entry.id   7QK4
#
_cell.length_a   50.456
_cell.length_b   91.202
_cell.length_c   179.016
_cell.angle_alpha   90
_cell.angle_beta   90
_cell.angle_gamma   90
#
_symmetry.space_group_name_H-M   'C 2 2 21'
#
loop_
_entity.id
_entity.type
_entity.pdbx_description
1 polymer 'Polycomb protein EED'
2 polymer 'Histone-lysine N-methyltransferase EZH2'
3 non-polymer 'CHLORIDE ION'
4 non-polymer N-[(5-fluoranyl-2,3-dihydro-1-benzofuran-4-yl)methyl]-8-(2-methylpyridin-3-yl)-[1,2,4]triazolo[4,3-c]pyrimidin-5-amine
5 water water
#
loop_
_entity_poly.entity_id
_entity_poly.type
_entity_poly.pdbx_seq_one_letter_code
_entity_poly.pdbx_strand_id
1 'polypeptide(L)'
;GKCKYSFKCVNSLKEDHNQPLFGVQFNWHSKEGDPLVFATVGSNRVTLYECHSQGEIRLLQSYVDADADENFYTCAWTYD
SNTSHPLLAVAGSRGIIRIINPITMQCIKHYVGHGNAINELKFHPRDPNLLLSVSKDHALRLWNIQTDTLVAIFGGVEGH
RDEVLSADYDLLGEKIMSCGMDHSLKLWRINSKRMMNAIKESYDYNPNKTNRPFISQKIHFPDFSTRDIHRNYVDCVRWL
GDLILSKSCENAIVCWKPGKMEDDIDKIKPSESNVTILGRFDYSQCDIWYMRFSMDFWQKMLALGNQVGKLYVWDLEVED
PHKAKCTTLTHHKCGAAIRQTSFSRDSSILIAVCDDASIWRWDRLR
;
A
2 'polypeptide(L)' SMFSSNRQKILERTEILNQEWKQRRIQPV B
#
loop_
_chem_comp.id
_chem_comp.type
_chem_comp.name
_chem_comp.formula
CL non-polymer 'CHLORIDE ION' 'Cl -1'
EJR non-polymer N-[(5-fluoranyl-2,3-dihydro-1-benzofuran-4-yl)methyl]-8-(2-methylpyridin-3-yl)-[1,2,4]triazolo[4,3-c]pyrimidin-5-amine 'C20 H17 F N6 O'
#
# COMPACT_ATOMS: atom_id res chain seq x y z
N CYS A 3 -23.95 7.94 4.68
CA CYS A 3 -23.14 6.75 4.37
C CYS A 3 -23.68 5.58 5.17
N LYS A 4 -23.96 4.45 4.50
CA LYS A 4 -24.52 3.27 5.19
C LYS A 4 -23.55 2.59 6.18
N TYR A 5 -22.26 2.90 6.08
CA TYR A 5 -21.27 2.26 6.96
C TYR A 5 -21.12 2.98 8.28
N SER A 6 -21.25 2.24 9.39
CA SER A 6 -21.07 2.81 10.73
C SER A 6 -20.06 1.95 11.51
N PHE A 7 -19.34 2.61 12.41
CA PHE A 7 -18.31 1.95 13.21
C PHE A 7 -18.37 2.46 14.66
N LYS A 8 -17.88 1.65 15.61
CA LYS A 8 -17.83 1.97 17.04
C LYS A 8 -16.36 1.88 17.46
N CYS A 9 -15.84 2.85 18.21
CA CYS A 9 -14.45 2.76 18.68
C CYS A 9 -14.47 1.89 19.91
N VAL A 10 -13.86 0.72 19.81
CA VAL A 10 -13.89 -0.25 20.89
C VAL A 10 -12.64 -0.31 21.73
N ASN A 11 -11.51 0.25 21.23
CA ASN A 11 -10.26 0.19 22.02
C ASN A 11 -9.21 1.08 21.43
N SER A 12 -8.21 1.39 22.24
CA SER A 12 -7.03 2.16 21.83
C SER A 12 -5.86 1.82 22.76
N LEU A 13 -4.65 2.07 22.29
CA LEU A 13 -3.46 1.91 23.11
C LEU A 13 -2.39 2.85 22.59
N LYS A 14 -1.29 2.99 23.35
CA LYS A 14 -0.19 3.80 22.92
C LYS A 14 1.07 2.96 23.05
N GLU A 15 1.91 2.90 22.01
CA GLU A 15 3.16 2.16 22.09
C GLU A 15 4.16 2.96 22.96
N ASP A 16 4.94 2.28 23.83
CA ASP A 16 5.78 2.96 24.80
C ASP A 16 7.00 3.70 24.22
N HIS A 17 7.31 3.56 22.92
CA HIS A 17 8.41 4.34 22.33
C HIS A 17 8.01 5.82 22.14
N ASN A 18 6.68 6.13 22.12
CA ASN A 18 6.14 7.48 21.95
C ASN A 18 6.53 8.16 20.64
N GLN A 19 7.00 7.40 19.65
CA GLN A 19 7.36 7.96 18.35
C GLN A 19 6.21 7.80 17.36
N PRO A 20 6.11 8.65 16.33
CA PRO A 20 5.02 8.50 15.36
C PRO A 20 4.96 7.10 14.71
N LEU A 21 3.73 6.60 14.49
CA LEU A 21 3.56 5.35 13.75
C LEU A 21 3.21 5.77 12.33
N PHE A 22 4.01 5.28 11.34
CA PHE A 22 3.80 5.69 9.96
C PHE A 22 3.10 4.64 9.09
N GLY A 23 2.98 3.42 9.60
CA GLY A 23 2.37 2.36 8.82
C GLY A 23 1.61 1.38 9.66
N VAL A 24 0.57 0.83 9.06
CA VAL A 24 -0.23 -0.22 9.66
C VAL A 24 -0.77 -1.07 8.54
N GLN A 25 -0.71 -2.40 8.70
CA GLN A 25 -1.21 -3.31 7.71
C GLN A 25 -1.79 -4.56 8.35
N PHE A 26 -3.06 -4.87 8.06
CA PHE A 26 -3.61 -6.18 8.45
C PHE A 26 -2.98 -7.22 7.49
N ASN A 27 -2.81 -8.46 7.98
CA ASN A 27 -2.30 -9.55 7.14
C ASN A 27 -3.54 -10.13 6.44
N TRP A 28 -3.73 -9.81 5.16
CA TRP A 28 -4.86 -10.35 4.40
C TRP A 28 -4.61 -11.78 3.88
N HIS A 29 -3.44 -12.38 4.19
CA HIS A 29 -3.15 -13.73 3.74
C HIS A 29 -3.66 -14.79 4.71
N SER A 30 -3.95 -14.40 5.96
CA SER A 30 -4.45 -15.33 6.98
C SER A 30 -5.75 -15.99 6.53
N LYS A 31 -5.87 -17.30 6.77
CA LYS A 31 -7.05 -18.04 6.33
C LYS A 31 -8.23 -17.83 7.27
N GLU A 32 -9.45 -18.14 6.80
CA GLU A 32 -10.64 -18.04 7.64
C GLU A 32 -10.54 -18.99 8.82
N GLY A 33 -10.96 -18.50 9.98
CA GLY A 33 -10.86 -19.27 11.22
C GLY A 33 -9.68 -18.82 12.07
N ASP A 34 -8.64 -18.25 11.42
CA ASP A 34 -7.47 -17.79 12.14
C ASP A 34 -7.65 -16.36 12.61
N PRO A 35 -7.04 -15.99 13.74
CA PRO A 35 -7.21 -14.62 14.24
C PRO A 35 -6.71 -13.52 13.31
N LEU A 36 -7.34 -12.35 13.39
CA LEU A 36 -6.95 -11.21 12.58
C LEU A 36 -5.74 -10.56 13.18
N VAL A 37 -4.70 -10.37 12.38
CA VAL A 37 -3.44 -9.83 12.87
C VAL A 37 -3.02 -8.63 12.05
N PHE A 38 -2.48 -7.62 12.73
CA PHE A 38 -1.94 -6.47 12.03
C PHE A 38 -0.56 -6.10 12.58
N ALA A 39 0.23 -5.45 11.74
CA ALA A 39 1.57 -4.96 12.05
C ALA A 39 1.53 -3.44 12.05
N THR A 40 2.28 -2.81 12.99
CA THR A 40 2.46 -1.35 13.02
C THR A 40 3.96 -1.07 12.86
N VAL A 41 4.31 0.04 12.18
CA VAL A 41 5.72 0.40 12.01
C VAL A 41 5.91 1.86 12.35
N GLY A 42 7.02 2.14 13.03
CA GLY A 42 7.37 3.49 13.47
C GLY A 42 8.64 3.44 14.30
N SER A 43 9.44 4.53 14.28
CA SER A 43 10.76 4.55 14.95
C SER A 43 11.60 3.35 14.41
N ASN A 44 12.37 2.60 15.23
CA ASN A 44 13.09 1.44 14.72
C ASN A 44 12.35 0.14 15.08
N ARG A 45 11.01 0.20 15.15
CA ARG A 45 10.20 -0.93 15.62
C ARG A 45 9.16 -1.39 14.62
N VAL A 46 8.85 -2.69 14.68
CA VAL A 46 7.75 -3.33 13.98
C VAL A 46 7.03 -4.11 15.06
N THR A 47 5.72 -3.90 15.24
CA THR A 47 5.01 -4.63 16.30
C THR A 47 3.78 -5.34 15.75
N LEU A 48 3.51 -6.58 16.19
CA LEU A 48 2.37 -7.33 15.72
C LEU A 48 1.33 -7.41 16.83
N TYR A 49 0.05 -7.36 16.43
CA TYR A 49 -1.08 -7.48 17.34
C TYR A 49 -2.15 -8.39 16.74
N GLU A 50 -2.91 -9.04 17.62
CA GLU A 50 -4.02 -9.90 17.27
C GLU A 50 -5.33 -9.28 17.77
N CYS A 51 -6.38 -9.25 16.95
CA CYS A 51 -7.67 -8.73 17.40
C CYS A 51 -8.50 -9.85 17.99
N HIS A 52 -9.10 -9.59 19.13
CA HIS A 52 -9.98 -10.56 19.76
C HIS A 52 -11.34 -9.90 20.13
N SER A 53 -12.28 -10.70 20.62
CA SER A 53 -13.59 -10.22 20.99
C SER A 53 -13.54 -9.12 22.10
N GLN A 54 -14.64 -8.38 22.20
CA GLN A 54 -14.75 -7.27 23.14
C GLN A 54 -13.64 -6.22 22.97
N GLY A 55 -13.28 -5.99 21.71
CA GLY A 55 -12.29 -4.98 21.36
C GLY A 55 -10.86 -5.23 21.78
N GLU A 56 -10.55 -6.44 22.28
CA GLU A 56 -9.18 -6.74 22.72
C GLU A 56 -8.13 -6.61 21.61
N ILE A 57 -7.04 -5.87 21.88
CA ILE A 57 -5.92 -5.73 20.95
C ILE A 57 -4.74 -6.40 21.66
N ARG A 58 -4.45 -7.63 21.28
CA ARG A 58 -3.47 -8.44 21.98
C ARG A 58 -2.08 -8.29 21.39
N LEU A 59 -1.12 -7.75 22.16
CA LEU A 59 0.27 -7.64 21.75
C LEU A 59 0.85 -9.04 21.55
N LEU A 60 1.46 -9.30 20.39
CA LEU A 60 2.10 -10.59 20.15
C LEU A 60 3.60 -10.42 20.44
N GLN A 61 4.32 -9.63 19.63
CA GLN A 61 5.74 -9.34 19.89
C GLN A 61 6.25 -8.21 19.00
N SER A 62 7.44 -7.69 19.32
CA SER A 62 8.03 -6.62 18.56
C SER A 62 9.43 -6.93 18.06
N TYR A 63 9.79 -6.33 16.95
CA TYR A 63 11.09 -6.42 16.36
C TYR A 63 11.70 -5.04 16.57
N VAL A 64 12.86 -4.98 17.19
CA VAL A 64 13.56 -3.73 17.38
C VAL A 64 14.83 -3.83 16.53
N ASP A 65 15.03 -2.89 15.63
CA ASP A 65 16.21 -2.90 14.78
C ASP A 65 17.46 -2.58 15.61
N ALA A 66 18.61 -3.18 15.26
CA ALA A 66 19.88 -2.90 15.96
C ALA A 66 20.31 -1.44 15.74
N ASP A 67 19.92 -0.84 14.61
CA ASP A 67 20.23 0.54 14.30
C ASP A 67 19.19 1.42 14.99
N ALA A 68 19.59 2.07 16.09
CA ALA A 68 18.70 2.95 16.83
C ALA A 68 18.22 4.17 16.01
N ASP A 69 18.93 4.52 14.91
CA ASP A 69 18.56 5.65 14.08
C ASP A 69 17.75 5.24 12.82
N GLU A 70 17.36 3.97 12.70
CA GLU A 70 16.50 3.53 11.61
C GLU A 70 15.09 4.04 11.91
N ASN A 71 14.37 4.52 10.89
CA ASN A 71 12.99 4.95 11.06
C ASN A 71 12.16 4.25 10.00
N PHE A 72 11.39 3.23 10.40
CA PHE A 72 10.60 2.46 9.45
C PHE A 72 9.41 3.29 8.96
N TYR A 73 9.16 3.25 7.66
CA TYR A 73 8.09 4.04 7.05
C TYR A 73 6.97 3.21 6.45
N THR A 74 7.22 1.91 6.21
CA THR A 74 6.30 1.07 5.48
C THR A 74 6.54 -0.39 5.82
N CYS A 75 5.48 -1.17 5.70
CA CYS A 75 5.58 -2.63 5.82
C CYS A 75 4.57 -3.29 4.88
N ALA A 76 4.80 -4.56 4.54
CA ALA A 76 3.89 -5.28 3.67
C ALA A 76 3.96 -6.77 3.97
N TRP A 77 2.82 -7.45 3.94
CA TRP A 77 2.78 -8.89 4.20
C TRP A 77 2.86 -9.73 2.94
N THR A 78 3.42 -10.92 3.06
CA THR A 78 3.42 -11.91 1.99
C THR A 78 3.44 -13.31 2.68
N TYR A 79 3.65 -14.37 1.91
CA TYR A 79 3.81 -15.72 2.44
C TYR A 79 4.93 -16.42 1.64
N ASP A 80 5.54 -17.43 2.27
CA ASP A 80 6.58 -18.26 1.66
C ASP A 80 5.81 -19.29 0.84
N SER A 81 5.97 -19.30 -0.48
CA SER A 81 5.25 -20.23 -1.35
C SER A 81 5.60 -21.70 -1.12
N ASN A 82 6.78 -21.98 -0.55
CA ASN A 82 7.21 -23.35 -0.30
C ASN A 82 6.76 -23.89 1.05
N THR A 83 6.70 -23.04 2.11
CA THR A 83 6.33 -23.52 3.44
C THR A 83 4.96 -23.06 3.92
N SER A 84 4.29 -22.13 3.19
CA SER A 84 3.00 -21.55 3.57
C SER A 84 3.08 -20.70 4.84
N HIS A 85 4.29 -20.31 5.27
CA HIS A 85 4.43 -19.49 6.46
C HIS A 85 4.31 -18.02 6.08
N PRO A 86 3.76 -17.20 6.99
CA PRO A 86 3.66 -15.77 6.69
C PRO A 86 5.02 -15.09 6.76
N LEU A 87 5.18 -13.98 6.03
CA LEU A 87 6.40 -13.18 6.02
C LEU A 87 6.00 -11.70 6.05
N LEU A 88 6.87 -10.86 6.62
CA LEU A 88 6.60 -9.42 6.68
C LEU A 88 7.84 -8.64 6.19
N ALA A 89 7.67 -7.75 5.21
CA ALA A 89 8.78 -6.95 4.71
C ALA A 89 8.66 -5.55 5.32
N VAL A 90 9.77 -4.96 5.77
CA VAL A 90 9.76 -3.61 6.37
CA VAL A 90 9.75 -3.63 6.39
C VAL A 90 10.91 -2.80 5.81
N ALA A 91 10.74 -1.45 5.73
CA ALA A 91 11.79 -0.59 5.19
C ALA A 91 11.54 0.88 5.61
N GLY A 92 12.57 1.71 5.53
CA GLY A 92 12.44 3.09 5.93
C GLY A 92 13.63 3.92 5.57
N SER A 93 14.01 4.80 6.48
CA SER A 93 15.03 5.80 6.26
C SER A 93 16.40 5.26 5.86
N ARG A 94 16.78 4.06 6.34
CA ARG A 94 18.07 3.49 5.97
C ARG A 94 18.14 2.96 4.54
N GLY A 95 16.99 2.79 3.89
CA GLY A 95 16.96 2.27 2.53
C GLY A 95 17.31 0.79 2.47
N ILE A 96 17.04 0.06 3.56
CA ILE A 96 17.31 -1.36 3.66
C ILE A 96 16.01 -2.10 3.81
N ILE A 97 15.80 -3.15 2.99
CA ILE A 97 14.57 -3.93 3.10
C ILE A 97 14.86 -5.11 4.01
N ARG A 98 14.10 -5.25 5.09
CA ARG A 98 14.25 -6.39 5.99
C ARG A 98 13.09 -7.35 5.85
N ILE A 99 13.38 -8.63 5.71
CA ILE A 99 12.35 -9.66 5.62
C ILE A 99 12.30 -10.30 6.99
N ILE A 100 11.19 -10.10 7.71
CA ILE A 100 10.98 -10.61 9.06
C ILE A 100 10.11 -11.86 9.07
N ASN A 101 10.47 -12.86 9.91
CA ASN A 101 9.64 -14.03 10.11
C ASN A 101 8.71 -13.58 11.25
N PRO A 102 7.40 -13.42 11.01
CA PRO A 102 6.50 -12.91 12.08
C PRO A 102 6.25 -13.84 13.27
N ILE A 103 6.58 -15.12 13.10
CA ILE A 103 6.39 -16.10 14.17
C ILE A 103 7.44 -15.85 15.27
N THR A 104 8.68 -15.55 14.88
CA THR A 104 9.78 -15.29 15.81
C THR A 104 10.10 -13.78 15.97
N MET A 105 9.59 -12.93 15.05
CA MET A 105 9.88 -11.50 14.95
C MET A 105 11.38 -11.25 14.84
N GLN A 106 12.04 -12.06 14.00
CA GLN A 106 13.47 -11.95 13.74
C GLN A 106 13.67 -11.65 12.27
N CYS A 107 14.73 -10.90 11.93
CA CYS A 107 15.06 -10.64 10.54
C CYS A 107 15.75 -11.86 9.98
N ILE A 108 15.22 -12.38 8.87
CA ILE A 108 15.80 -13.57 8.27
C ILE A 108 16.73 -13.20 7.11
N LYS A 109 16.47 -12.08 6.41
CA LYS A 109 17.36 -11.61 5.36
C LYS A 109 17.09 -10.14 5.04
N HIS A 110 18.06 -9.49 4.36
CA HIS A 110 17.90 -8.09 4.02
C HIS A 110 18.45 -7.75 2.64
N TYR A 111 17.95 -6.65 2.04
CA TYR A 111 18.39 -6.22 0.72
C TYR A 111 18.81 -4.78 0.75
N VAL A 112 19.96 -4.50 0.16
CA VAL A 112 20.52 -3.16 0.00
C VAL A 112 20.54 -2.88 -1.51
N GLY A 113 20.53 -1.61 -1.88
CA GLY A 113 20.62 -1.22 -3.28
C GLY A 113 20.14 0.19 -3.50
N HIS A 114 19.03 0.56 -2.84
CA HIS A 114 18.49 1.91 -2.94
C HIS A 114 19.47 2.89 -2.31
N GLY A 115 19.78 3.95 -3.01
CA GLY A 115 20.71 4.95 -2.51
C GLY A 115 20.11 5.93 -1.52
N ASN A 116 18.89 5.64 -1.02
CA ASN A 116 18.22 6.50 -0.07
C ASN A 116 16.99 5.76 0.53
N ALA A 117 16.29 6.43 1.40
CA ALA A 117 15.11 5.91 2.10
C ALA A 117 14.07 5.27 1.18
N ILE A 118 13.38 4.26 1.70
CA ILE A 118 12.29 3.59 1.01
C ILE A 118 10.97 4.09 1.64
N ASN A 119 10.07 4.62 0.80
CA ASN A 119 8.80 5.20 1.23
C ASN A 119 7.65 4.19 1.20
N GLU A 120 7.73 3.17 0.35
CA GLU A 120 6.67 2.19 0.27
C GLU A 120 7.13 0.85 -0.21
N LEU A 121 6.51 -0.22 0.34
CA LEU A 121 6.73 -1.58 -0.14
C LEU A 121 5.36 -2.15 -0.52
N LYS A 122 5.29 -2.97 -1.59
CA LYS A 122 4.04 -3.61 -1.98
C LYS A 122 4.35 -4.96 -2.57
N PHE A 123 3.63 -6.02 -2.16
CA PHE A 123 3.81 -7.33 -2.82
C PHE A 123 2.82 -7.46 -3.97
N HIS A 124 3.24 -8.16 -5.03
CA HIS A 124 2.40 -8.45 -6.18
C HIS A 124 1.20 -9.31 -5.72
N PRO A 125 -0.01 -9.03 -6.25
CA PRO A 125 -1.21 -9.74 -5.77
C PRO A 125 -1.32 -11.20 -6.17
N ARG A 126 -0.54 -11.65 -7.16
CA ARG A 126 -0.61 -13.04 -7.64
C ARG A 126 0.66 -13.84 -7.32
N ASP A 127 1.84 -13.21 -7.41
CA ASP A 127 3.10 -13.86 -7.09
C ASP A 127 3.63 -13.30 -5.77
N PRO A 128 3.61 -14.14 -4.71
CA PRO A 128 4.02 -13.65 -3.38
C PRO A 128 5.50 -13.32 -3.23
N ASN A 129 6.34 -13.69 -4.21
CA ASN A 129 7.77 -13.43 -4.14
C ASN A 129 8.16 -12.09 -4.75
N LEU A 130 7.24 -11.39 -5.44
CA LEU A 130 7.59 -10.15 -6.13
C LEU A 130 7.29 -8.94 -5.27
N LEU A 131 8.36 -8.29 -4.83
CA LEU A 131 8.23 -7.14 -3.91
C LEU A 131 8.64 -5.87 -4.60
N LEU A 132 7.80 -4.85 -4.53
CA LEU A 132 8.10 -3.57 -5.16
C LEU A 132 8.51 -2.59 -4.08
N SER A 133 9.60 -1.85 -4.27
CA SER A 133 10.00 -0.82 -3.30
C SER A 133 10.08 0.52 -4.05
N VAL A 134 9.75 1.60 -3.37
CA VAL A 134 9.82 2.93 -3.99
C VAL A 134 10.67 3.81 -3.12
N SER A 135 11.52 4.63 -3.73
CA SER A 135 12.53 5.32 -2.97
C SER A 135 12.75 6.79 -3.25
N LYS A 136 13.33 7.46 -2.26
CA LYS A 136 13.78 8.84 -2.35
C LYS A 136 14.89 8.99 -3.42
N ASP A 137 15.47 7.87 -3.92
CA ASP A 137 16.48 7.91 -4.99
C ASP A 137 15.88 8.09 -6.39
N HIS A 138 14.55 8.34 -6.49
CA HIS A 138 13.80 8.61 -7.72
C HIS A 138 13.42 7.35 -8.51
N ALA A 139 13.71 6.17 -7.97
CA ALA A 139 13.44 4.94 -8.68
C ALA A 139 12.53 3.99 -7.91
N LEU A 140 11.90 3.05 -8.64
CA LEU A 140 11.17 1.92 -8.07
C LEU A 140 12.04 0.70 -8.36
N ARG A 141 11.99 -0.32 -7.50
CA ARG A 141 12.73 -1.56 -7.75
C ARG A 141 11.81 -2.75 -7.52
N LEU A 142 11.87 -3.72 -8.43
CA LEU A 142 11.10 -4.96 -8.28
C LEU A 142 12.10 -6.06 -7.91
N TRP A 143 11.88 -6.74 -6.77
CA TRP A 143 12.74 -7.80 -6.25
C TRP A 143 12.01 -9.16 -6.28
N ASN A 144 12.77 -10.24 -6.47
CA ASN A 144 12.21 -11.59 -6.39
C ASN A 144 12.86 -12.12 -5.10
N ILE A 145 12.05 -12.21 -4.01
CA ILE A 145 12.57 -12.64 -2.73
C ILE A 145 12.73 -14.17 -2.60
N GLN A 146 12.43 -14.95 -3.66
CA GLN A 146 12.68 -16.39 -3.62
C GLN A 146 14.13 -16.63 -4.06
N THR A 147 14.59 -15.93 -5.11
CA THR A 147 15.95 -16.07 -5.63
C THR A 147 16.92 -14.95 -5.20
N ASP A 148 16.44 -13.99 -4.37
CA ASP A 148 17.21 -12.86 -3.87
C ASP A 148 17.81 -12.06 -5.03
N THR A 149 16.95 -11.74 -6.00
CA THR A 149 17.37 -11.02 -7.18
C THR A 149 16.65 -9.71 -7.37
N LEU A 150 17.33 -8.77 -7.97
CA LEU A 150 16.74 -7.50 -8.33
C LEU A 150 16.29 -7.68 -9.78
N VAL A 151 14.99 -7.81 -9.98
CA VAL A 151 14.43 -8.04 -11.30
C VAL A 151 14.56 -6.82 -12.21
N ALA A 152 14.13 -5.66 -11.69
CA ALA A 152 14.11 -4.47 -12.52
C ALA A 152 14.22 -3.22 -11.68
N ILE A 153 14.71 -2.15 -12.31
CA ILE A 153 14.80 -0.81 -11.75
C ILE A 153 13.99 0.08 -12.70
N PHE A 154 12.93 0.72 -12.18
CA PHE A 154 12.07 1.61 -12.98
C PHE A 154 12.52 3.03 -12.68
N GLY A 155 13.25 3.61 -13.62
CA GLY A 155 13.78 4.95 -13.47
C GLY A 155 14.84 5.25 -14.50
N GLY A 156 15.32 6.47 -14.50
CA GLY A 156 16.34 6.88 -15.48
C GLY A 156 15.88 7.99 -16.39
N VAL A 157 16.11 7.85 -17.70
CA VAL A 157 15.82 8.92 -18.69
C VAL A 157 14.44 9.56 -18.54
N GLU A 158 13.37 8.73 -18.54
CA GLU A 158 12.03 9.28 -18.34
C GLU A 158 11.38 8.77 -17.03
N GLY A 159 12.21 8.39 -16.07
CA GLY A 159 11.70 8.01 -14.76
C GLY A 159 11.37 9.25 -13.94
N HIS A 160 10.99 9.01 -12.66
CA HIS A 160 10.72 10.15 -11.78
C HIS A 160 11.98 11.05 -11.62
N ARG A 161 11.76 12.34 -11.53
CA ARG A 161 12.84 13.33 -11.38
C ARG A 161 13.04 13.81 -9.96
N ASP A 162 12.33 13.20 -8.99
CA ASP A 162 12.41 13.56 -7.60
C ASP A 162 11.95 12.32 -6.81
N GLU A 163 11.92 12.43 -5.50
CA GLU A 163 11.59 11.30 -4.62
C GLU A 163 10.26 10.63 -4.96
N VAL A 164 10.25 9.29 -4.98
CA VAL A 164 9.03 8.53 -5.24
C VAL A 164 8.38 8.27 -3.89
N LEU A 165 7.09 8.58 -3.77
CA LEU A 165 6.40 8.50 -2.48
C LEU A 165 5.45 7.33 -2.37
N SER A 166 4.90 6.86 -3.50
CA SER A 166 3.91 5.80 -3.45
C SER A 166 3.84 5.03 -4.74
N ALA A 167 3.30 3.81 -4.70
CA ALA A 167 3.06 3.03 -5.89
C ALA A 167 2.07 1.94 -5.56
N ASP A 168 1.39 1.44 -6.59
CA ASP A 168 0.40 0.39 -6.37
C ASP A 168 0.30 -0.49 -7.59
N TYR A 169 0.10 -1.77 -7.37
CA TYR A 169 -0.15 -2.70 -8.49
C TYR A 169 -1.67 -2.63 -8.73
N ASP A 170 -2.11 -2.95 -9.95
CA ASP A 170 -3.55 -3.11 -10.22
C ASP A 170 -4.00 -4.49 -9.65
N LEU A 171 -5.31 -4.77 -9.71
CA LEU A 171 -5.83 -5.96 -9.07
C LEU A 171 -5.21 -7.26 -9.53
N LEU A 172 -4.97 -7.38 -10.85
CA LEU A 172 -4.41 -8.63 -11.35
C LEU A 172 -2.87 -8.64 -11.45
N GLY A 173 -2.22 -7.52 -11.11
CA GLY A 173 -0.77 -7.47 -11.09
C GLY A 173 -0.14 -7.36 -12.46
N GLU A 174 -0.82 -6.67 -13.40
CA GLU A 174 -0.32 -6.45 -14.76
C GLU A 174 0.43 -5.12 -14.91
N LYS A 175 0.20 -4.18 -14.00
CA LYS A 175 0.79 -2.85 -14.13
C LYS A 175 0.89 -2.15 -12.80
N ILE A 176 1.78 -1.17 -12.75
CA ILE A 176 2.02 -0.37 -11.54
C ILE A 176 1.81 1.08 -11.86
N MET A 177 1.25 1.84 -10.92
CA MET A 177 1.21 3.30 -11.04
C MET A 177 2.05 3.82 -9.88
N SER A 178 2.97 4.74 -10.15
CA SER A 178 3.82 5.35 -9.13
C SER A 178 3.63 6.86 -9.11
N CYS A 179 3.97 7.51 -7.99
CA CYS A 179 3.86 8.98 -7.91
C CYS A 179 4.89 9.57 -6.94
N GLY A 180 5.14 10.88 -7.06
CA GLY A 180 6.04 11.49 -6.11
C GLY A 180 6.16 13.00 -6.12
N MET A 181 7.32 13.44 -5.66
CA MET A 181 7.65 14.84 -5.49
C MET A 181 7.76 15.65 -6.78
N ASP A 182 7.88 14.94 -7.93
CA ASP A 182 7.93 15.66 -9.22
C ASP A 182 6.50 15.98 -9.76
N HIS A 183 5.44 15.74 -8.92
CA HIS A 183 4.02 15.98 -9.23
C HIS A 183 3.49 14.99 -10.26
N SER A 184 4.31 14.01 -10.72
CA SER A 184 3.86 13.12 -11.77
C SER A 184 3.35 11.79 -11.28
N LEU A 185 2.51 11.18 -12.11
CA LEU A 185 2.02 9.83 -11.90
C LEU A 185 2.46 9.08 -13.15
N LYS A 186 3.14 7.97 -12.96
CA LYS A 186 3.68 7.19 -14.08
C LYS A 186 3.20 5.77 -14.06
N LEU A 187 2.89 5.23 -15.25
CA LEU A 187 2.43 3.85 -15.38
C LEU A 187 3.58 2.98 -15.87
N TRP A 188 3.76 1.80 -15.28
CA TRP A 188 4.81 0.87 -15.70
C TRP A 188 4.12 -0.46 -15.92
N ARG A 189 4.11 -0.95 -17.17
CA ARG A 189 3.44 -2.24 -17.43
C ARG A 189 4.40 -3.37 -17.12
N ILE A 190 3.94 -4.34 -16.32
CA ILE A 190 4.78 -5.48 -15.99
C ILE A 190 4.31 -6.77 -16.69
N ASN A 191 3.23 -6.70 -17.48
CA ASN A 191 2.76 -7.78 -18.34
C ASN A 191 3.30 -7.57 -19.77
N SER A 192 4.30 -6.68 -19.97
CA SER A 192 4.97 -6.53 -21.26
C SER A 192 5.76 -7.83 -21.51
N LYS A 193 6.07 -8.15 -22.78
CA LYS A 193 6.82 -9.37 -23.05
C LYS A 193 8.24 -9.25 -22.39
N ARG A 194 8.83 -8.03 -22.42
CA ARG A 194 10.12 -7.79 -21.80
C ARG A 194 10.10 -8.09 -20.29
N MET A 195 9.08 -7.56 -19.57
CA MET A 195 9.00 -7.74 -18.13
C MET A 195 8.59 -9.14 -17.72
N MET A 196 7.68 -9.79 -18.46
CA MET A 196 7.32 -11.19 -18.14
C MET A 196 8.55 -12.11 -18.31
N ASN A 197 9.35 -11.88 -19.39
CA ASN A 197 10.56 -12.66 -19.56
C ASN A 197 11.60 -12.37 -18.45
N ALA A 198 11.76 -11.11 -18.04
CA ALA A 198 12.72 -10.77 -16.97
C ALA A 198 12.32 -11.44 -15.66
N ILE A 199 11.01 -11.48 -15.38
CA ILE A 199 10.53 -12.14 -14.16
C ILE A 199 10.84 -13.66 -14.23
N LYS A 200 10.59 -14.27 -15.40
CA LYS A 200 10.89 -15.69 -15.58
C LYS A 200 12.39 -15.97 -15.41
N GLU A 201 13.26 -15.10 -15.98
CA GLU A 201 14.70 -15.25 -15.84
C GLU A 201 15.17 -15.13 -14.39
N SER A 202 14.49 -14.30 -13.58
CA SER A 202 14.85 -14.15 -12.18
C SER A 202 14.59 -15.47 -11.42
N TYR A 203 13.63 -16.28 -11.86
CA TYR A 203 13.36 -17.59 -11.26
C TYR A 203 14.39 -18.63 -11.71
N ASP A 204 14.91 -18.51 -12.94
CA ASP A 204 15.92 -19.44 -13.44
C ASP A 204 17.29 -19.24 -12.79
N TYR A 205 17.57 -18.01 -12.30
CA TYR A 205 18.85 -17.70 -11.68
C TYR A 205 19.09 -18.53 -10.42
N PRO A 213 26.72 -12.35 -11.47
CA PRO A 213 25.57 -11.72 -10.82
C PRO A 213 24.38 -11.56 -11.78
N PHE A 214 23.16 -11.62 -11.24
CA PHE A 214 21.95 -11.47 -12.06
C PHE A 214 21.85 -10.05 -12.60
N ILE A 215 21.59 -9.93 -13.92
CA ILE A 215 21.47 -8.62 -14.54
C ILE A 215 20.06 -8.08 -14.52
N SER A 216 19.84 -7.00 -13.78
CA SER A 216 18.50 -6.39 -13.68
C SER A 216 18.12 -5.65 -14.95
N GLN A 217 16.82 -5.62 -15.27
CA GLN A 217 16.34 -4.80 -16.38
C GLN A 217 16.38 -3.35 -15.89
N LYS A 218 16.81 -2.43 -16.75
CA LYS A 218 16.81 -1.01 -16.43
C LYS A 218 15.71 -0.42 -17.31
N ILE A 219 14.52 -0.20 -16.73
CA ILE A 219 13.39 0.33 -17.46
C ILE A 219 13.43 1.85 -17.36
N HIS A 220 13.94 2.50 -18.40
CA HIS A 220 14.08 3.97 -18.39
C HIS A 220 12.80 4.74 -18.78
N PHE A 221 11.84 4.05 -19.39
CA PHE A 221 10.67 4.71 -19.96
C PHE A 221 9.34 4.10 -19.49
N PRO A 222 8.48 4.95 -18.90
CA PRO A 222 7.17 4.45 -18.47
C PRO A 222 6.19 4.31 -19.65
N ASP A 223 5.08 3.59 -19.43
CA ASP A 223 4.02 3.39 -20.41
C ASP A 223 2.97 4.50 -20.47
N PHE A 224 3.07 5.49 -19.59
CA PHE A 224 2.23 6.68 -19.52
C PHE A 224 2.80 7.56 -18.41
N SER A 225 2.65 8.89 -18.57
CA SER A 225 3.09 9.81 -17.54
C SER A 225 2.24 11.06 -17.61
N THR A 226 1.87 11.62 -16.45
CA THR A 226 1.12 12.85 -16.40
C THR A 226 1.55 13.72 -15.24
N ARG A 227 1.59 15.03 -15.48
CA ARG A 227 1.81 16.02 -14.44
C ARG A 227 0.55 16.92 -14.31
N ASP A 228 -0.60 16.52 -14.91
CA ASP A 228 -1.81 17.33 -15.00
C ASP A 228 -2.95 16.95 -14.07
N ILE A 229 -2.68 16.19 -12.99
CA ILE A 229 -3.75 15.85 -12.06
C ILE A 229 -3.59 16.74 -10.83
N HIS A 230 -2.36 16.80 -10.27
CA HIS A 230 -2.03 17.60 -9.10
C HIS A 230 -0.97 18.63 -9.45
N ARG A 231 -0.97 19.75 -8.73
CA ARG A 231 0.04 20.79 -8.95
C ARG A 231 1.10 20.84 -7.85
N ASN A 232 1.24 19.75 -7.08
CA ASN A 232 2.19 19.67 -6.00
C ASN A 232 2.55 18.19 -5.79
N TYR A 233 3.37 17.87 -4.75
CA TYR A 233 3.77 16.47 -4.51
C TYR A 233 2.56 15.54 -4.45
N VAL A 234 2.71 14.34 -4.95
CA VAL A 234 1.64 13.33 -4.88
C VAL A 234 2.12 12.27 -3.88
N ASP A 235 1.48 12.15 -2.69
CA ASP A 235 2.03 11.23 -1.67
C ASP A 235 1.30 9.90 -1.52
N CYS A 236 0.26 9.65 -2.33
CA CYS A 236 -0.45 8.37 -2.25
C CYS A 236 -1.20 8.10 -3.52
N VAL A 237 -1.03 6.89 -4.07
CA VAL A 237 -1.76 6.49 -5.27
C VAL A 237 -2.24 5.05 -5.13
N ARG A 238 -3.48 4.79 -5.55
CA ARG A 238 -4.06 3.44 -5.55
CA ARG A 238 -4.03 3.43 -5.56
C ARG A 238 -4.96 3.23 -6.77
N TRP A 239 -4.98 2.00 -7.33
CA TRP A 239 -5.88 1.74 -8.45
C TRP A 239 -7.30 1.54 -7.87
N LEU A 240 -8.31 1.93 -8.63
CA LEU A 240 -9.70 1.64 -8.32
C LEU A 240 -10.20 1.04 -9.65
N GLY A 241 -9.95 -0.26 -9.82
CA GLY A 241 -10.25 -0.95 -11.08
C GLY A 241 -9.32 -0.44 -12.15
N ASP A 242 -9.87 0.11 -13.24
CA ASP A 242 -9.08 0.74 -14.31
C ASP A 242 -8.85 2.24 -14.00
N LEU A 243 -9.53 2.79 -13.00
CA LEU A 243 -9.39 4.19 -12.59
C LEU A 243 -8.28 4.31 -11.53
N ILE A 244 -7.85 5.54 -11.25
CA ILE A 244 -6.80 5.81 -10.29
C ILE A 244 -7.31 6.79 -9.23
N LEU A 245 -6.90 6.56 -7.99
CA LEU A 245 -7.16 7.53 -6.91
C LEU A 245 -5.79 8.03 -6.49
N SER A 246 -5.63 9.36 -6.36
CA SER A 246 -4.35 9.90 -5.88
C SER A 246 -4.59 11.17 -5.09
N LYS A 247 -3.65 11.50 -4.20
CA LYS A 247 -3.80 12.74 -3.42
C LYS A 247 -2.54 13.54 -3.33
N SER A 248 -2.71 14.84 -3.10
CA SER A 248 -1.65 15.80 -2.88
C SER A 248 -2.06 16.56 -1.58
N CYS A 249 -1.82 17.87 -1.49
CA CYS A 249 -2.09 18.63 -0.27
C CYS A 249 -3.33 19.52 -0.36
N GLU A 250 -4.24 19.26 -1.32
CA GLU A 250 -5.40 20.11 -1.50
C GLU A 250 -6.68 19.59 -0.85
N ASN A 251 -6.55 18.75 0.17
CA ASN A 251 -7.69 18.22 0.91
C ASN A 251 -8.69 17.50 -0.01
N ALA A 252 -8.15 16.77 -0.98
CA ALA A 252 -8.98 15.96 -1.87
C ALA A 252 -8.21 14.79 -2.44
N ILE A 253 -8.90 13.68 -2.60
CA ILE A 253 -8.39 12.52 -3.32
C ILE A 253 -9.06 12.64 -4.70
N VAL A 254 -8.25 12.66 -5.79
CA VAL A 254 -8.74 12.82 -7.13
C VAL A 254 -8.89 11.47 -7.81
N CYS A 255 -10.07 11.23 -8.41
CA CYS A 255 -10.32 10.00 -9.15
C CYS A 255 -10.15 10.37 -10.59
N TRP A 256 -9.25 9.67 -11.29
CA TRP A 256 -8.93 10.01 -12.66
C TRP A 256 -8.53 8.80 -13.50
N LYS A 257 -8.31 9.01 -14.80
CA LYS A 257 -7.87 7.95 -15.69
C LYS A 257 -7.03 8.53 -16.82
N PRO A 258 -6.07 7.75 -17.32
CA PRO A 258 -5.31 8.19 -18.50
C PRO A 258 -6.22 8.25 -19.72
N GLY A 259 -5.89 9.16 -20.63
CA GLY A 259 -6.62 9.36 -21.89
C GLY A 259 -7.95 10.07 -21.75
N LYS A 260 -8.72 10.05 -22.83
CA LYS A 260 -10.07 10.61 -22.88
C LYS A 260 -11.06 9.64 -22.17
N MET A 261 -12.26 10.13 -21.85
CA MET A 261 -13.30 9.39 -21.11
C MET A 261 -13.50 7.93 -21.55
N GLU A 262 -13.55 7.71 -22.86
CA GLU A 262 -13.78 6.42 -23.51
C GLU A 262 -12.54 5.55 -23.69
N ASP A 263 -11.34 6.10 -23.46
CA ASP A 263 -10.09 5.34 -23.70
C ASP A 263 -9.86 4.17 -22.75
N ASP A 264 -9.58 3.00 -23.35
CA ASP A 264 -9.33 1.76 -22.59
C ASP A 264 -7.91 1.81 -22.03
N ILE A 265 -7.74 1.47 -20.75
CA ILE A 265 -6.42 1.49 -20.10
C ILE A 265 -5.35 0.67 -20.85
N ASP A 266 -5.74 -0.44 -21.50
CA ASP A 266 -4.77 -1.28 -22.20
C ASP A 266 -4.50 -0.87 -23.65
N LYS A 267 -5.15 0.20 -24.12
CA LYS A 267 -4.92 0.74 -25.46
C LYS A 267 -4.14 2.10 -25.41
N ILE A 268 -3.92 2.65 -24.20
CA ILE A 268 -3.21 3.89 -23.96
C ILE A 268 -1.78 3.76 -24.47
N LYS A 269 -1.35 4.68 -25.33
CA LYS A 269 0.00 4.69 -25.86
C LYS A 269 0.92 5.52 -24.93
N PRO A 270 2.22 5.21 -24.88
CA PRO A 270 3.12 5.95 -23.97
C PRO A 270 3.12 7.47 -24.16
N SER A 271 2.84 7.94 -25.39
CA SER A 271 2.80 9.38 -25.66
C SER A 271 1.45 10.05 -25.37
N GLU A 272 0.43 9.31 -24.86
CA GLU A 272 -0.89 9.85 -24.54
C GLU A 272 -0.81 11.13 -23.72
N SER A 273 -1.38 12.24 -24.22
CA SER A 273 -1.28 13.52 -23.56
C SER A 273 -2.49 13.89 -22.70
N ASN A 274 -3.64 13.23 -22.91
CA ASN A 274 -4.85 13.56 -22.15
C ASN A 274 -5.00 12.75 -20.88
N VAL A 275 -5.73 13.32 -19.92
CA VAL A 275 -6.18 12.69 -18.68
C VAL A 275 -7.65 13.09 -18.47
N THR A 276 -8.43 12.23 -17.81
CA THR A 276 -9.82 12.52 -17.52
C THR A 276 -10.01 12.48 -16.01
N ILE A 277 -10.40 13.61 -15.43
CA ILE A 277 -10.68 13.72 -14.03
C ILE A 277 -12.16 13.46 -13.84
N LEU A 278 -12.50 12.40 -13.10
CA LEU A 278 -13.87 12.00 -12.93
C LEU A 278 -14.57 12.57 -11.70
N GLY A 279 -13.81 12.92 -10.68
CA GLY A 279 -14.37 13.45 -9.45
C GLY A 279 -13.38 13.53 -8.32
N ARG A 280 -13.80 14.14 -7.20
CA ARG A 280 -12.92 14.29 -6.03
C ARG A 280 -13.64 13.89 -4.75
N PHE A 281 -12.93 13.24 -3.82
CA PHE A 281 -13.47 12.93 -2.50
C PHE A 281 -12.90 14.02 -1.59
N ASP A 282 -13.74 14.97 -1.15
CA ASP A 282 -13.29 16.11 -0.35
C ASP A 282 -13.26 15.83 1.15
N TYR A 283 -12.30 16.42 1.80
CA TYR A 283 -12.14 16.31 3.26
C TYR A 283 -11.47 17.61 3.78
N SER A 284 -11.06 17.61 5.06
CA SER A 284 -10.46 18.80 5.63
C SER A 284 -9.29 18.46 6.55
N GLN A 285 -8.44 19.47 6.85
CA GLN A 285 -7.33 19.36 7.79
C GLN A 285 -6.40 18.20 7.52
N CYS A 286 -6.04 18.01 6.24
CA CYS A 286 -5.11 16.97 5.84
C CYS A 286 -4.27 17.49 4.68
N ASP A 287 -3.54 18.58 4.95
CA ASP A 287 -2.71 19.21 3.93
C ASP A 287 -1.20 19.09 4.19
N ILE A 288 -0.79 18.30 5.20
CA ILE A 288 0.64 18.04 5.43
C ILE A 288 1.04 16.79 4.62
N TRP A 289 2.33 16.68 4.32
CA TRP A 289 2.83 15.54 3.57
C TRP A 289 2.91 14.28 4.41
N TYR A 290 2.83 13.13 3.74
CA TYR A 290 2.94 11.79 4.32
C TYR A 290 1.68 11.37 5.06
N MET A 291 0.56 11.30 4.33
CA MET A 291 -0.71 10.85 4.90
C MET A 291 -1.29 9.90 3.85
N ARG A 292 -1.50 8.61 4.22
CA ARG A 292 -1.98 7.63 3.26
CA ARG A 292 -1.96 7.56 3.32
C ARG A 292 -3.45 7.31 3.40
N PHE A 293 -4.09 7.00 2.26
CA PHE A 293 -5.49 6.54 2.26
C PHE A 293 -5.47 5.05 1.91
N SER A 294 -6.53 4.33 2.31
CA SER A 294 -6.60 2.90 2.12
C SER A 294 -7.99 2.48 1.68
N MET A 295 -8.09 1.26 1.14
CA MET A 295 -9.38 0.70 0.78
C MET A 295 -9.50 -0.71 1.35
N ASP A 296 -10.73 -1.22 1.46
CA ASP A 296 -10.90 -2.60 1.91
C ASP A 296 -10.59 -3.55 0.73
N PHE A 297 -10.57 -4.85 1.00
CA PHE A 297 -10.25 -5.84 -0.04
C PHE A 297 -11.19 -5.74 -1.25
N TRP A 298 -12.47 -5.66 -0.99
CA TRP A 298 -13.50 -5.62 -2.03
C TRP A 298 -13.62 -4.26 -2.73
N GLN A 299 -12.85 -3.25 -2.25
CA GLN A 299 -12.86 -1.90 -2.79
C GLN A 299 -14.26 -1.30 -2.78
N LYS A 300 -14.97 -1.50 -1.64
CA LYS A 300 -16.29 -0.94 -1.36
C LYS A 300 -16.17 0.27 -0.42
N MET A 301 -15.06 0.41 0.34
CA MET A 301 -14.87 1.52 1.27
C MET A 301 -13.49 2.13 1.07
N LEU A 302 -13.41 3.45 1.25
CA LEU A 302 -12.18 4.25 1.14
C LEU A 302 -12.02 4.93 2.49
N ALA A 303 -10.82 4.89 3.10
CA ALA A 303 -10.59 5.51 4.39
C ALA A 303 -9.33 6.41 4.37
N LEU A 304 -9.36 7.48 5.15
CA LEU A 304 -8.27 8.44 5.24
C LEU A 304 -8.39 9.15 6.55
N GLY A 305 -7.29 9.24 7.27
CA GLY A 305 -7.28 9.99 8.53
C GLY A 305 -6.72 11.39 8.28
N ASN A 306 -7.03 12.33 9.17
CA ASN A 306 -6.51 13.69 9.00
C ASN A 306 -5.55 14.09 10.17
N GLN A 307 -5.05 15.35 10.16
CA GLN A 307 -4.07 15.81 11.13
C GLN A 307 -4.57 16.02 12.53
N VAL A 308 -5.90 16.07 12.71
CA VAL A 308 -6.49 16.28 14.03
C VAL A 308 -7.24 15.02 14.53
N GLY A 309 -6.94 13.86 13.95
CA GLY A 309 -7.45 12.60 14.45
C GLY A 309 -8.84 12.17 13.99
N LYS A 310 -9.37 12.81 12.93
CA LYS A 310 -10.65 12.36 12.37
C LYS A 310 -10.39 11.30 11.29
N LEU A 311 -11.28 10.33 11.19
CA LEU A 311 -11.13 9.27 10.21
C LEU A 311 -12.31 9.31 9.25
N TYR A 312 -12.06 9.65 7.99
CA TYR A 312 -13.11 9.72 6.99
C TYR A 312 -13.29 8.35 6.31
N VAL A 313 -14.53 7.93 6.10
CA VAL A 313 -14.82 6.69 5.38
C VAL A 313 -15.88 6.98 4.32
N TRP A 314 -15.64 6.61 3.06
CA TRP A 314 -16.62 6.81 2.00
C TRP A 314 -17.06 5.45 1.45
N ASP A 315 -18.30 5.40 0.97
CA ASP A 315 -18.86 4.21 0.33
C ASP A 315 -18.57 4.37 -1.16
N LEU A 316 -17.66 3.54 -1.69
CA LEU A 316 -17.28 3.57 -3.11
C LEU A 316 -18.34 3.01 -4.06
N GLU A 317 -19.41 2.39 -3.53
CA GLU A 317 -20.52 1.90 -4.36
C GLU A 317 -21.62 2.97 -4.53
N VAL A 318 -21.28 4.24 -4.32
CA VAL A 318 -22.17 5.39 -4.49
C VAL A 318 -21.51 6.24 -5.58
N GLU A 319 -22.14 6.28 -6.76
CA GLU A 319 -21.59 7.04 -7.90
C GLU A 319 -21.40 8.53 -7.58
N CYS A 326 -20.26 10.04 3.23
CA CYS A 326 -19.08 10.09 4.08
C CYS A 326 -19.40 10.01 5.58
N THR A 327 -18.88 8.98 6.24
CA THR A 327 -19.02 8.77 7.69
C THR A 327 -17.77 9.37 8.34
N THR A 328 -17.92 10.18 9.41
CA THR A 328 -16.74 10.70 10.09
C THR A 328 -16.59 10.08 11.47
N LEU A 329 -15.50 9.33 11.64
CA LEU A 329 -15.23 8.63 12.89
C LEU A 329 -14.35 9.49 13.78
N THR A 330 -14.89 9.87 14.94
CA THR A 330 -14.15 10.70 15.86
C THR A 330 -14.26 10.16 17.29
N HIS A 331 -13.21 10.34 18.06
CA HIS A 331 -13.16 10.03 19.48
C HIS A 331 -12.52 11.28 20.12
N HIS A 332 -13.08 11.76 21.24
CA HIS A 332 -12.54 12.99 21.84
C HIS A 332 -11.06 12.91 22.29
N LYS A 333 -10.56 11.70 22.57
CA LYS A 333 -9.16 11.53 22.97
C LYS A 333 -8.24 11.23 21.77
N CYS A 334 -8.77 11.16 20.53
CA CYS A 334 -7.97 10.88 19.34
C CYS A 334 -7.80 12.19 18.63
N GLY A 335 -6.68 12.84 18.86
CA GLY A 335 -6.43 14.18 18.33
C GLY A 335 -5.13 14.34 17.54
N ALA A 336 -4.34 13.29 17.47
CA ALA A 336 -3.07 13.34 16.73
C ALA A 336 -3.24 12.88 15.28
N ALA A 337 -2.34 13.30 14.38
CA ALA A 337 -2.43 12.94 12.97
C ALA A 337 -2.51 11.46 12.74
N ILE A 338 -3.46 11.01 11.94
CA ILE A 338 -3.59 9.58 11.59
C ILE A 338 -2.81 9.33 10.27
N ARG A 339 -1.65 8.70 10.36
CA ARG A 339 -0.76 8.53 9.19
C ARG A 339 -1.24 7.48 8.20
N GLN A 340 -1.83 6.41 8.74
CA GLN A 340 -2.34 5.34 7.89
C GLN A 340 -3.43 4.58 8.65
N THR A 341 -4.28 3.91 7.88
CA THR A 341 -5.35 3.07 8.39
C THR A 341 -5.30 1.73 7.65
N SER A 342 -5.92 0.70 8.22
CA SER A 342 -5.99 -0.60 7.54
C SER A 342 -7.29 -1.29 7.92
N PHE A 343 -7.96 -1.87 6.94
CA PHE A 343 -9.14 -2.68 7.20
C PHE A 343 -8.71 -4.13 7.29
N SER A 344 -9.43 -4.91 8.12
CA SER A 344 -9.23 -6.37 8.10
C SER A 344 -9.78 -6.90 6.74
N ARG A 345 -9.38 -8.12 6.33
CA ARG A 345 -9.83 -8.65 5.04
C ARG A 345 -11.36 -8.68 4.91
N ASP A 346 -12.07 -9.00 6.00
CA ASP A 346 -13.54 -9.04 5.97
C ASP A 346 -14.22 -7.69 6.25
N SER A 347 -13.44 -6.58 6.27
CA SER A 347 -13.94 -5.23 6.55
C SER A 347 -14.61 -5.07 7.93
N SER A 348 -14.48 -6.05 8.85
CA SER A 348 -15.13 -5.90 10.16
C SER A 348 -14.42 -4.97 11.15
N ILE A 349 -13.11 -4.72 10.91
CA ILE A 349 -12.28 -3.90 11.80
C ILE A 349 -11.50 -2.92 10.97
N LEU A 350 -11.32 -1.73 11.49
CA LEU A 350 -10.54 -0.65 10.88
C LEU A 350 -9.61 -0.15 11.95
N ILE A 351 -8.31 -0.21 11.68
CA ILE A 351 -7.32 0.26 12.63
C ILE A 351 -6.68 1.55 12.09
N ALA A 352 -6.52 2.55 12.95
CA ALA A 352 -5.83 3.82 12.62
C ALA A 352 -4.59 3.96 13.53
N VAL A 353 -3.45 4.46 12.98
CA VAL A 353 -2.25 4.68 13.80
C VAL A 353 -1.85 6.14 13.68
N CYS A 354 -1.32 6.71 14.76
CA CYS A 354 -1.10 8.14 14.86
C CYS A 354 0.32 8.60 15.12
N ASP A 355 0.53 9.96 15.01
CA ASP A 355 1.80 10.61 15.35
C ASP A 355 2.21 10.51 16.82
N ASP A 356 1.25 10.26 17.73
CA ASP A 356 1.60 10.19 19.15
C ASP A 356 1.75 8.72 19.63
N ALA A 357 2.02 7.78 18.69
CA ALA A 357 2.20 6.34 18.89
C ALA A 357 0.93 5.62 19.30
N SER A 358 -0.26 6.24 19.10
CA SER A 358 -1.51 5.59 19.46
C SER A 358 -2.11 4.78 18.32
N ILE A 359 -2.85 3.73 18.69
CA ILE A 359 -3.52 2.82 17.79
C ILE A 359 -5.00 2.81 18.17
N TRP A 360 -5.90 2.96 17.20
CA TRP A 360 -7.35 3.02 17.50
C TRP A 360 -8.05 1.92 16.74
N ARG A 361 -8.90 1.15 17.44
CA ARG A 361 -9.65 0.06 16.83
C ARG A 361 -11.11 0.43 16.70
N TRP A 362 -11.63 0.39 15.47
CA TRP A 362 -13.02 0.71 15.15
C TRP A 362 -13.69 -0.57 14.58
N ASP A 363 -14.79 -1.03 15.21
CA ASP A 363 -15.48 -2.23 14.71
C ASP A 363 -16.74 -1.84 13.94
N ARG A 364 -16.95 -2.48 12.78
CA ARG A 364 -18.07 -2.18 11.90
C ARG A 364 -19.37 -2.73 12.46
N LEU A 365 -20.40 -1.88 12.50
CA LEU A 365 -21.73 -2.25 13.00
C LEU A 365 -22.57 -2.93 11.91
N SER B 1 -22.46 2.87 -18.38
CA SER B 1 -21.95 3.87 -17.46
C SER B 1 -20.48 3.61 -17.11
N MET B 2 -19.71 4.69 -16.84
CA MET B 2 -18.30 4.59 -16.47
C MET B 2 -18.16 3.93 -15.09
N PHE B 3 -19.04 4.28 -14.16
CA PHE B 3 -19.05 3.75 -12.81
C PHE B 3 -19.49 2.28 -12.80
N SER B 4 -20.60 1.95 -13.45
CA SER B 4 -21.13 0.59 -13.48
C SER B 4 -20.16 -0.40 -14.12
N SER B 5 -19.48 0.02 -15.22
CA SER B 5 -18.53 -0.87 -15.88
C SER B 5 -17.28 -1.06 -15.05
N ASN B 6 -16.77 0.01 -14.41
CA ASN B 6 -15.58 -0.10 -13.57
C ASN B 6 -15.88 -0.95 -12.32
N ARG B 7 -17.08 -0.79 -11.72
CA ARG B 7 -17.47 -1.62 -10.57
C ARG B 7 -17.47 -3.09 -10.95
N GLN B 8 -17.94 -3.41 -12.17
CA GLN B 8 -18.02 -4.79 -12.65
C GLN B 8 -16.62 -5.38 -12.82
N LYS B 9 -15.65 -4.57 -13.28
CA LYS B 9 -14.27 -5.01 -13.41
C LYS B 9 -13.69 -5.28 -12.04
N ILE B 10 -13.97 -4.40 -11.05
CA ILE B 10 -13.51 -4.63 -9.69
C ILE B 10 -14.11 -5.91 -9.12
N LEU B 11 -15.42 -6.12 -9.33
CA LEU B 11 -16.10 -7.30 -8.81
C LEU B 11 -15.48 -8.57 -9.39
N GLU B 12 -15.29 -8.63 -10.73
CA GLU B 12 -14.75 -9.83 -11.37
C GLU B 12 -13.32 -10.10 -10.92
N ARG B 13 -12.49 -9.03 -10.81
CA ARG B 13 -11.08 -9.19 -10.46
C ARG B 13 -10.87 -9.53 -9.00
N THR B 14 -11.65 -8.90 -8.10
CA THR B 14 -11.55 -9.25 -6.68
C THR B 14 -12.03 -10.67 -6.46
N GLU B 15 -13.04 -11.14 -7.22
CA GLU B 15 -13.51 -12.54 -7.09
C GLU B 15 -12.39 -13.53 -7.49
N ILE B 16 -11.60 -13.17 -8.52
CA ILE B 16 -10.49 -14.02 -8.96
C ILE B 16 -9.45 -14.15 -7.82
N LEU B 17 -9.12 -13.02 -7.16
CA LEU B 17 -8.16 -13.01 -6.06
C LEU B 17 -8.72 -13.74 -4.84
N ASN B 18 -10.03 -13.59 -4.59
CA ASN B 18 -10.65 -14.22 -3.44
C ASN B 18 -10.65 -15.73 -3.59
N GLN B 19 -10.88 -16.24 -4.81
CA GLN B 19 -10.82 -17.66 -5.10
C GLN B 19 -9.41 -18.19 -4.92
N GLU B 20 -8.38 -17.42 -5.35
CA GLU B 20 -6.98 -17.82 -5.15
C GLU B 20 -6.68 -17.90 -3.64
N TRP B 21 -7.14 -16.90 -2.86
CA TRP B 21 -6.97 -16.89 -1.41
C TRP B 21 -7.68 -18.08 -0.73
N LYS B 22 -8.93 -18.40 -1.13
CA LYS B 22 -9.69 -19.53 -0.58
C LYS B 22 -8.97 -20.86 -0.77
N GLN B 23 -8.16 -20.99 -1.83
CA GLN B 23 -7.43 -22.24 -2.08
C GLN B 23 -6.17 -22.38 -1.22
N ARG B 24 -5.68 -21.26 -0.64
CA ARG B 24 -4.48 -21.30 0.19
C ARG B 24 -4.76 -21.56 1.68
N ARG B 25 -3.76 -22.11 2.37
CA ARG B 25 -3.85 -22.35 3.82
C ARG B 25 -2.58 -21.81 4.48
N ILE B 26 -2.42 -20.48 4.53
CA ILE B 26 -1.27 -19.85 5.14
C ILE B 26 -1.31 -20.03 6.66
N GLN B 27 -0.17 -20.42 7.26
CA GLN B 27 -0.09 -20.66 8.70
C GLN B 27 -0.30 -19.37 9.47
N PRO B 28 -0.98 -19.45 10.63
CA PRO B 28 -1.18 -18.23 11.43
C PRO B 28 0.12 -17.74 12.04
N VAL B 29 0.18 -16.44 12.32
CA VAL B 29 1.35 -15.83 12.95
C VAL B 29 1.45 -16.30 14.42
CL CL C . 14.30 1.09 -21.42
CL CL D . 0.13 -5.77 3.51
CL CL E . -4.93 18.16 -5.79
C1 EJR F . 6.94 9.73 7.24
C2 EJR F . 7.93 10.63 7.24
C2 EJR F . 7.99 10.59 7.28
C3 EJR F . 8.89 10.56 6.11
C11 EJR F . 7.92 11.65 8.35
C11 EJR F . 8.30 11.48 8.46
C12 EJR F . 6.70 12.31 8.51
C12 EJR F . 9.53 11.28 9.12
C13 EJR F . 6.56 13.27 9.52
C13 EJR F . 9.87 12.06 10.23
C14 EJR F . 7.64 13.51 10.36
C14 EJR F . 8.96 13.02 10.67
C16 EJR F . 8.99 11.93 9.21
C16 EJR F . 7.42 12.45 8.97
C17 EJR F . 6.39 7.04 4.12
C18 EJR F . 5.10 7.67 3.58
C19 EJR F . 3.96 7.80 4.37
C20 EJR F . 2.77 8.29 3.86
C21 EJR F . 2.70 8.77 2.54
C22 EJR F . 3.84 8.67 1.74
C23 EJR F . 5.02 8.13 2.25
C24 EJR F . 3.69 7.32 5.80
C25 EJR F . 2.21 7.79 6.01
C28 EJR F . 10.35 11.24 9.12
C28 EJR F . 6.05 12.73 8.35
N4 EJR F . 8.69 9.70 5.16
C5 EJR F . 7.65 8.85 5.14
N6 EJR F . 6.81 8.85 6.12
N7 EJR F . 9.92 11.30 5.96
N8 EJR F . 10.45 10.86 4.70
C9 EJR F . 9.66 9.93 4.33
N10 EJR F . 7.48 8.02 4.12
N15 EJR F . 8.82 12.86 10.18
N15 EJR F . 7.78 13.17 10.05
O26 EJR F . 1.71 8.36 4.76
F27 EJR F . 6.10 8.07 1.46
#